data_5VCX
#
_entry.id   5VCX
#
_cell.length_a   56.480
_cell.length_b   69.430
_cell.length_c   86.530
_cell.angle_alpha   90.000
_cell.angle_beta   90.000
_cell.angle_gamma   90.000
#
_symmetry.space_group_name_H-M   'P 21 21 21'
#
loop_
_entity.id
_entity.type
_entity.pdbx_description
1 polymer 'Membrane-associated tyrosine- and threonine-specific cdc2-inhibitory kinase'
2 non-polymer N-(5-CHLORO-1,3-BENZODIOXOL-4-YL)-7-[2-(4-METHYLPIPERAZIN-1-YL)ETHOXY]-5-(TETRAHYDRO-2H-PYRAN-4-YLOXY)QUINAZOLIN-4-AMINE
3 non-polymer 1,2-ETHANEDIOL
4 water water
#
_entity_poly.entity_id   1
_entity_poly.type   'polypeptide(L)'
_entity_poly.pdbx_seq_one_letter_code
;MHHHHHHSSGVDLGTENLYFQSMHQLQPRRVSFRGEASETLQSPGYDPSRPESFFQQSFQRLSRLGHGSYGEVFKVRSKE
DGRLYAVKRSMSPFRGPKDRARKLAEVGSHEKVGQHPCCVRLEQAWEEGGILYLQTELCGPSLQQHCEAWGASLPEAQVW
GYLRDTLLALAHLHSQGLVHLDVKPANIFLGPRGRCKLGDFGLLVELGTAGAGEVQEGDPRYMAPELLQGSYGTAADVFS
LGLTILEVACNMELPHGGEGWQQLRQGYLPPEFTAGLSSELRSVLVMMLEPDPKLRATAEALLALPVLRQP
;
_entity_poly.pdbx_strand_id   A
#
loop_
_chem_comp.id
_chem_comp.type
_chem_comp.name
_chem_comp.formula
EDO non-polymer 1,2-ETHANEDIOL 'C2 H6 O2'
H8H non-polymer N-(5-CHLORO-1,3-BENZODIOXOL-4-YL)-7-[2-(4-METHYLPIPERAZIN-1-YL)ETHOXY]-5-(TETRAHYDRO-2H-PYRAN-4-YLOXY)QUINAZOLIN-4-AMINE 'C27 H32 Cl N5 O5'
#
# COMPACT_ATOMS: atom_id res chain seq x y z
N HIS A 24 -21.83 -30.06 4.95
CA HIS A 24 -21.33 -29.42 6.16
C HIS A 24 -20.26 -28.36 5.84
N GLN A 25 -20.13 -27.38 6.72
CA GLN A 25 -19.24 -26.26 6.47
C GLN A 25 -18.23 -26.03 7.58
N LEU A 26 -16.97 -25.83 7.17
CA LEU A 26 -15.94 -25.39 8.10
C LEU A 26 -16.31 -24.01 8.63
N GLN A 27 -15.96 -23.72 9.86
CA GLN A 27 -16.28 -22.43 10.41
C GLN A 27 -15.22 -21.45 10.02
N PRO A 28 -15.53 -20.18 10.00
CA PRO A 28 -14.46 -19.24 9.69
C PRO A 28 -13.36 -19.31 10.74
N ARG A 29 -12.11 -19.19 10.30
CA ARG A 29 -11.00 -19.21 11.24
C ARG A 29 -10.06 -18.04 10.99
N ARG A 30 -9.54 -17.49 12.08
CA ARG A 30 -8.61 -16.38 12.03
C ARG A 30 -7.36 -16.73 11.24
N VAL A 31 -6.87 -15.76 10.45
CA VAL A 31 -5.62 -15.93 9.73
C VAL A 31 -4.53 -15.08 10.37
N SER A 32 -3.59 -15.73 11.03
CA SER A 32 -2.50 -15.02 11.68
C SER A 32 -1.22 -15.85 11.67
N PHE A 33 -0.09 -15.17 11.88
CA PHE A 33 1.21 -15.83 11.90
C PHE A 33 1.95 -15.53 13.18
N ARG A 34 1.25 -14.97 14.16
CA ARG A 34 1.85 -14.57 15.42
C ARG A 34 2.09 -15.75 16.35
N GLY A 35 1.45 -16.89 16.05
CA GLY A 35 1.65 -18.08 16.83
C GLY A 35 0.81 -18.12 18.09
N GLU A 36 -0.07 -17.14 18.24
CA GLU A 36 -1.04 -17.15 19.33
C GLU A 36 -2.04 -18.28 19.10
N ALA A 37 -2.91 -18.53 20.08
CA ALA A 37 -3.81 -19.68 20.05
C ALA A 37 -4.63 -19.81 18.76
N SER A 38 -5.05 -21.03 18.47
CA SER A 38 -6.00 -21.27 17.38
C SER A 38 -7.39 -20.97 17.94
N GLU A 39 -8.07 -19.95 17.43
CA GLU A 39 -9.27 -19.46 18.10
C GLU A 39 -10.50 -19.20 17.22
N THR A 40 -11.65 -19.43 17.85
CA THR A 40 -12.97 -19.28 17.26
C THR A 40 -13.38 -17.82 17.09
N LEU A 41 -13.70 -17.44 15.86
CA LEU A 41 -14.24 -16.12 15.59
C LEU A 41 -15.65 -16.00 16.15
N GLN A 42 -15.83 -15.07 17.07
CA GLN A 42 -17.14 -14.82 17.65
C GLN A 42 -17.43 -13.33 17.64
N SER A 43 -18.71 -12.98 17.57
CA SER A 43 -19.10 -11.59 17.44
C SER A 43 -20.57 -11.39 17.75
N PRO A 44 -20.93 -10.20 18.28
CA PRO A 44 -22.33 -9.83 18.41
C PRO A 44 -23.01 -9.83 17.04
N GLY A 45 -24.14 -10.52 16.93
CA GLY A 45 -24.84 -10.62 15.66
C GLY A 45 -24.42 -11.85 14.89
N TYR A 46 -23.34 -12.48 15.32
CA TYR A 46 -22.87 -13.69 14.64
C TYR A 46 -23.39 -14.96 15.29
N ASP A 47 -24.17 -15.71 14.52
CA ASP A 47 -24.65 -17.01 14.94
C ASP A 47 -23.93 -18.07 14.13
N PRO A 48 -23.07 -18.86 14.79
CA PRO A 48 -22.35 -19.93 14.09
C PRO A 48 -23.29 -20.94 13.41
N SER A 49 -24.53 -21.03 13.90
CA SER A 49 -25.56 -21.85 13.27
C SER A 49 -25.94 -21.34 11.88
N ARG A 50 -26.47 -20.11 11.84
CA ARG A 50 -26.97 -19.51 10.60
C ARG A 50 -25.99 -19.60 9.42
N PRO A 51 -26.52 -19.74 8.19
CA PRO A 51 -25.71 -20.00 7.00
C PRO A 51 -24.95 -18.78 6.47
N GLU A 52 -25.40 -17.57 6.82
CA GLU A 52 -24.73 -16.37 6.35
C GLU A 52 -23.30 -16.31 6.89
N SER A 53 -22.38 -15.79 6.09
CA SER A 53 -20.98 -15.76 6.46
C SER A 53 -20.73 -14.87 7.68
N PHE A 54 -19.56 -15.02 8.28
CA PHE A 54 -19.17 -14.22 9.43
C PHE A 54 -19.15 -12.74 9.07
N PHE A 55 -18.70 -12.44 7.87
CA PHE A 55 -18.64 -11.06 7.40
C PHE A 55 -20.04 -10.46 7.24
N GLN A 56 -20.98 -11.27 6.80
CA GLN A 56 -22.37 -10.84 6.65
C GLN A 56 -23.02 -10.50 7.98
N GLN A 57 -22.86 -11.40 8.95
CA GLN A 57 -23.54 -11.27 10.23
C GLN A 57 -22.87 -10.28 11.18
N SER A 58 -21.54 -10.23 11.16
CA SER A 58 -20.80 -9.46 12.15
C SER A 58 -20.51 -8.03 11.71
N PHE A 59 -20.84 -7.70 10.47
CA PHE A 59 -20.59 -6.36 9.96
C PHE A 59 -21.79 -5.78 9.23
N GLN A 60 -21.76 -4.47 9.05
CA GLN A 60 -22.79 -3.76 8.30
C GLN A 60 -22.16 -3.06 7.11
N ARG A 61 -22.37 -3.61 5.91
CA ARG A 61 -21.83 -3.01 4.70
C ARG A 61 -22.44 -1.63 4.47
N LEU A 62 -21.60 -0.61 4.46
CA LEU A 62 -22.08 0.76 4.32
C LEU A 62 -21.91 1.29 2.90
N SER A 63 -20.82 0.89 2.25
CA SER A 63 -20.57 1.27 0.86
C SER A 63 -19.44 0.42 0.28
N ARG A 64 -19.32 0.45 -1.05
CA ARG A 64 -18.26 -0.30 -1.72
C ARG A 64 -17.11 0.64 -2.10
N LEU A 65 -15.96 0.44 -1.49
CA LEU A 65 -14.82 1.32 -1.70
C LEU A 65 -14.11 1.03 -3.03
N GLY A 66 -14.18 -0.21 -3.48
CA GLY A 66 -13.53 -0.59 -4.72
C GLY A 66 -13.78 -2.01 -5.13
N HIS A 67 -13.39 -2.34 -6.35
CA HIS A 67 -13.51 -3.68 -6.88
C HIS A 67 -12.54 -3.89 -8.03
N GLY A 68 -11.89 -5.04 -8.04
CA GLY A 68 -10.99 -5.42 -9.12
C GLY A 68 -11.03 -6.93 -9.21
N SER A 69 -9.99 -7.52 -9.79
CA SER A 69 -9.90 -8.98 -9.86
C SER A 69 -9.42 -9.54 -8.52
N TYR A 70 -8.99 -8.65 -7.63
CA TYR A 70 -8.62 -9.04 -6.27
C TYR A 70 -9.87 -9.37 -5.46
N GLY A 71 -10.98 -8.74 -5.85
CA GLY A 71 -12.23 -8.91 -5.14
C GLY A 71 -12.92 -7.58 -4.92
N GLU A 72 -13.23 -7.28 -3.67
CA GLU A 72 -13.92 -6.04 -3.31
C GLU A 72 -13.39 -5.46 -2.01
N VAL A 73 -13.48 -4.14 -1.88
CA VAL A 73 -13.22 -3.49 -0.60
C VAL A 73 -14.51 -2.82 -0.15
N PHE A 74 -14.91 -3.09 1.09
CA PHE A 74 -16.13 -2.49 1.64
C PHE A 74 -15.84 -1.58 2.82
N LYS A 75 -16.53 -0.44 2.86
CA LYS A 75 -16.58 0.39 4.05
C LYS A 75 -17.66 -0.17 4.96
N VAL A 76 -17.26 -0.67 6.13
CA VAL A 76 -18.20 -1.33 7.02
C VAL A 76 -18.14 -0.80 8.44
N ARG A 77 -19.13 -1.21 9.24
CA ARG A 77 -19.12 -0.92 10.66
C ARG A 77 -19.21 -2.21 11.46
N SER A 78 -18.20 -2.45 12.29
CA SER A 78 -18.13 -3.66 13.09
C SER A 78 -19.24 -3.69 14.15
N LYS A 79 -19.95 -4.80 14.24
CA LYS A 79 -20.96 -4.97 15.28
C LYS A 79 -20.27 -5.23 16.63
N GLU A 80 -18.97 -5.53 16.56
CA GLU A 80 -18.18 -5.79 17.75
C GLU A 80 -17.97 -4.52 18.58
N ASP A 81 -17.25 -3.55 18.02
CA ASP A 81 -16.93 -2.33 18.75
C ASP A 81 -17.71 -1.12 18.24
N GLY A 82 -18.50 -1.32 17.20
CA GLY A 82 -19.35 -0.26 16.67
C GLY A 82 -18.62 0.73 15.79
N ARG A 83 -17.35 0.46 15.50
CA ARG A 83 -16.55 1.44 14.76
C ARG A 83 -16.39 1.08 13.29
N LEU A 84 -15.76 1.98 12.54
CA LEU A 84 -15.62 1.84 11.09
C LEU A 84 -14.32 1.14 10.71
N TYR A 85 -14.39 0.35 9.64
CA TYR A 85 -13.22 -0.31 9.08
C TYR A 85 -13.36 -0.43 7.57
N ALA A 86 -12.29 -0.90 6.94
CA ALA A 86 -12.34 -1.30 5.54
C ALA A 86 -12.06 -2.78 5.45
N VAL A 87 -12.93 -3.51 4.77
CA VAL A 87 -12.74 -4.94 4.62
C VAL A 87 -12.60 -5.34 3.16
N LYS A 88 -11.48 -5.95 2.82
CA LYS A 88 -11.26 -6.48 1.49
C LYS A 88 -11.52 -7.97 1.49
N ARG A 89 -12.45 -8.42 0.65
CA ARG A 89 -12.70 -9.85 0.50
C ARG A 89 -12.24 -10.29 -0.89
N SER A 90 -11.58 -11.45 -0.93
CA SER A 90 -11.14 -12.00 -2.19
C SER A 90 -12.35 -12.42 -3.03
N MET A 91 -12.17 -12.50 -4.34
CA MET A 91 -13.28 -12.71 -5.25
C MET A 91 -13.78 -14.15 -5.29
N SER A 92 -12.86 -15.09 -5.45
CA SER A 92 -13.23 -16.49 -5.57
C SER A 92 -12.40 -17.38 -4.64
N PRO A 93 -12.95 -18.53 -4.24
CA PRO A 93 -12.25 -19.49 -3.37
C PRO A 93 -10.84 -19.83 -3.88
N PHE A 94 -9.94 -20.17 -2.95
CA PHE A 94 -8.57 -20.53 -3.31
C PHE A 94 -8.59 -21.71 -4.29
N ARG A 95 -7.75 -21.62 -5.32
CA ARG A 95 -7.74 -22.62 -6.38
C ARG A 95 -6.98 -23.88 -5.96
N GLY A 96 -6.08 -23.73 -4.99
CA GLY A 96 -5.31 -24.84 -4.47
C GLY A 96 -4.51 -24.41 -3.25
N PRO A 97 -3.68 -25.33 -2.70
CA PRO A 97 -2.84 -25.04 -1.53
C PRO A 97 -1.88 -23.88 -1.78
N LYS A 98 -1.20 -23.88 -2.93
CA LYS A 98 -0.26 -22.83 -3.27
C LYS A 98 -0.95 -21.49 -3.44
N ASP A 99 -2.13 -21.50 -4.08
CA ASP A 99 -2.91 -20.29 -4.28
C ASP A 99 -3.35 -19.70 -2.95
N ARG A 100 -3.62 -20.58 -1.99
CA ARG A 100 -4.06 -20.17 -0.66
C ARG A 100 -2.91 -19.56 0.12
N ALA A 101 -1.75 -20.22 0.09
CA ALA A 101 -0.58 -19.75 0.82
C ALA A 101 -0.16 -18.35 0.40
N ARG A 102 -0.23 -18.07 -0.90
CA ARG A 102 0.18 -16.78 -1.42
C ARG A 102 -0.80 -15.66 -1.05
N LYS A 103 -2.08 -15.99 -1.01
CA LYS A 103 -3.09 -15.02 -0.62
C LYS A 103 -3.00 -14.68 0.87
N LEU A 104 -2.82 -15.71 1.69
CA LEU A 104 -2.71 -15.52 3.14
C LEU A 104 -1.42 -14.78 3.51
N ALA A 105 -0.45 -14.80 2.60
CA ALA A 105 0.84 -14.15 2.83
C ALA A 105 0.68 -12.64 3.03
N GLU A 106 -0.35 -12.07 2.42
CA GLU A 106 -0.63 -10.64 2.56
C GLU A 106 -0.85 -10.27 4.03
N VAL A 107 -1.49 -11.17 4.76
CA VAL A 107 -1.68 -11.00 6.19
C VAL A 107 -0.33 -11.01 6.90
N GLY A 108 0.49 -12.01 6.57
CA GLY A 108 1.83 -12.13 7.13
C GLY A 108 2.65 -10.88 6.92
N SER A 109 2.57 -10.32 5.71
CA SER A 109 3.26 -9.09 5.38
C SER A 109 2.79 -7.95 6.26
N HIS A 110 1.48 -7.77 6.31
CA HIS A 110 0.87 -6.69 7.06
C HIS A 110 1.21 -6.79 8.55
N GLU A 111 1.32 -8.01 9.05
CA GLU A 111 1.70 -8.25 10.44
C GLU A 111 3.18 -7.92 10.66
N LYS A 112 3.99 -8.07 9.61
CA LYS A 112 5.42 -7.79 9.70
C LYS A 112 5.69 -6.28 9.81
N VAL A 113 4.77 -5.49 9.28
CA VAL A 113 4.91 -4.04 9.33
C VAL A 113 4.80 -3.54 10.77
N GLY A 114 3.82 -4.07 11.49
CA GLY A 114 3.63 -3.72 12.89
C GLY A 114 2.86 -2.43 13.06
N GLN A 115 3.10 -1.76 14.19
CA GLN A 115 2.39 -0.52 14.51
C GLN A 115 3.19 0.71 14.11
N HIS A 116 2.65 1.48 13.18
CA HIS A 116 3.24 2.76 12.81
C HIS A 116 2.16 3.73 12.34
N PRO A 117 2.23 4.99 12.80
CA PRO A 117 1.25 6.04 12.48
C PRO A 117 1.18 6.39 10.99
N CYS A 118 2.23 6.08 10.23
CA CYS A 118 2.24 6.37 8.80
C CYS A 118 1.99 5.11 7.98
N CYS A 119 1.63 4.03 8.66
CA CYS A 119 1.27 2.79 8.00
C CYS A 119 -0.14 2.37 8.39
N VAL A 120 -0.93 1.98 7.38
CA VAL A 120 -2.29 1.51 7.62
C VAL A 120 -2.27 0.30 8.56
N ARG A 121 -3.00 0.41 9.66
CA ARG A 121 -3.01 -0.63 10.68
C ARG A 121 -3.95 -1.77 10.32
N LEU A 122 -3.50 -2.99 10.57
CA LEU A 122 -4.33 -4.18 10.35
C LEU A 122 -5.09 -4.51 11.62
N GLU A 123 -6.41 -4.64 11.50
CA GLU A 123 -7.24 -4.98 12.66
C GLU A 123 -7.29 -6.49 12.84
N GLN A 124 -7.66 -7.21 11.78
CA GLN A 124 -7.70 -8.66 11.80
C GLN A 124 -7.91 -9.23 10.40
N ALA A 125 -7.87 -10.55 10.31
CA ALA A 125 -8.11 -11.25 9.06
C ALA A 125 -8.66 -12.64 9.34
N TRP A 126 -9.41 -13.18 8.38
CA TRP A 126 -9.94 -14.52 8.53
C TRP A 126 -10.31 -15.12 7.18
N GLU A 127 -10.54 -16.42 7.17
CA GLU A 127 -10.92 -17.12 5.95
C GLU A 127 -12.19 -17.93 6.18
N GLU A 128 -13.11 -17.85 5.23
CA GLU A 128 -14.31 -18.67 5.26
C GLU A 128 -14.71 -19.04 3.84
N GLY A 129 -14.85 -20.34 3.59
CA GLY A 129 -15.28 -20.82 2.29
C GLY A 129 -14.26 -20.58 1.19
N GLY A 130 -12.99 -20.51 1.57
CA GLY A 130 -11.93 -20.28 0.60
C GLY A 130 -11.77 -18.82 0.25
N ILE A 131 -12.54 -17.97 0.92
CA ILE A 131 -12.45 -16.53 0.72
C ILE A 131 -11.65 -15.89 1.84
N LEU A 132 -10.75 -14.99 1.49
CA LEU A 132 -9.93 -14.29 2.47
C LEU A 132 -10.49 -12.90 2.78
N TYR A 133 -10.62 -12.59 4.06
CA TYR A 133 -11.11 -11.28 4.49
C TYR A 133 -10.03 -10.51 5.23
N LEU A 134 -9.71 -9.31 4.74
CA LEU A 134 -8.71 -8.48 5.40
C LEU A 134 -9.36 -7.23 5.97
N GLN A 135 -9.33 -7.09 7.29
CA GLN A 135 -9.95 -5.95 7.96
C GLN A 135 -8.90 -4.99 8.51
N THR A 136 -8.80 -3.82 7.89
CA THR A 136 -7.89 -2.78 8.36
C THR A 136 -8.69 -1.54 8.78
N GLU A 137 -7.99 -0.57 9.36
CA GLU A 137 -8.61 0.70 9.72
C GLU A 137 -9.14 1.40 8.47
N LEU A 138 -10.23 2.13 8.62
CA LEU A 138 -10.77 2.91 7.52
C LEU A 138 -10.01 4.22 7.40
N CYS A 139 -9.46 4.48 6.22
CA CYS A 139 -8.69 5.69 5.98
C CYS A 139 -9.47 6.66 5.09
N GLY A 140 -8.95 7.88 4.96
CA GLY A 140 -9.51 8.84 4.03
C GLY A 140 -9.27 8.38 2.61
N PRO A 141 -9.65 9.20 1.62
CA PRO A 141 -9.47 8.79 0.23
C PRO A 141 -8.01 8.57 -0.11
N SER A 142 -7.74 7.74 -1.10
CA SER A 142 -6.37 7.53 -1.57
C SER A 142 -5.84 8.82 -2.18
N LEU A 143 -4.53 8.93 -2.28
CA LEU A 143 -3.91 10.10 -2.89
C LEU A 143 -4.39 10.27 -4.34
N GLN A 144 -4.60 9.15 -5.01
CA GLN A 144 -5.09 9.17 -6.39
C GLN A 144 -6.49 9.75 -6.47
N GLN A 145 -7.37 9.32 -5.57
CA GLN A 145 -8.73 9.81 -5.52
C GLN A 145 -8.76 11.29 -5.15
N HIS A 146 -7.94 11.66 -4.18
CA HIS A 146 -7.85 13.05 -3.74
C HIS A 146 -7.31 13.95 -4.86
N CYS A 147 -6.46 13.38 -5.71
CA CYS A 147 -5.86 14.13 -6.81
C CYS A 147 -6.84 14.37 -7.94
N GLU A 148 -7.59 13.33 -8.30
CA GLU A 148 -8.56 13.44 -9.38
C GLU A 148 -9.75 14.30 -8.96
N ALA A 149 -9.97 14.39 -7.66
CA ALA A 149 -11.05 15.22 -7.12
C ALA A 149 -10.62 16.68 -7.03
N TRP A 150 -9.34 16.89 -6.76
CA TRP A 150 -8.80 18.23 -6.61
C TRP A 150 -8.82 19.01 -7.93
N GLY A 151 -8.70 18.28 -9.03
CA GLY A 151 -8.80 18.88 -10.35
C GLY A 151 -7.49 19.40 -10.90
N ALA A 152 -6.82 20.23 -10.11
CA ALA A 152 -5.54 20.81 -10.53
C ALA A 152 -4.41 20.28 -9.67
N SER A 153 -3.23 20.87 -9.83
CA SER A 153 -2.07 20.52 -9.02
C SER A 153 -2.36 20.77 -7.54
N LEU A 154 -1.94 19.85 -6.68
CA LEU A 154 -2.08 20.02 -5.25
C LEU A 154 -1.18 21.15 -4.79
N PRO A 155 -1.59 21.87 -3.72
CA PRO A 155 -0.66 22.83 -3.11
C PRO A 155 0.61 22.12 -2.67
N GLU A 156 1.77 22.73 -2.88
CA GLU A 156 3.03 22.07 -2.60
C GLU A 156 3.19 21.82 -1.10
N ALA A 157 2.57 22.66 -0.28
CA ALA A 157 2.58 22.46 1.17
C ALA A 157 1.92 21.14 1.52
N GLN A 158 0.89 20.78 0.77
CA GLN A 158 0.26 19.47 0.91
C GLN A 158 1.21 18.37 0.44
N VAL A 159 1.76 18.56 -0.75
CA VAL A 159 2.63 17.58 -1.39
C VAL A 159 3.83 17.22 -0.51
N TRP A 160 4.46 18.22 0.09
CA TRP A 160 5.58 18.00 1.00
C TRP A 160 5.18 17.13 2.19
N GLY A 161 3.97 17.36 2.70
CA GLY A 161 3.45 16.59 3.81
C GLY A 161 3.21 15.14 3.42
N TYR A 162 2.81 14.94 2.17
CA TYR A 162 2.59 13.60 1.64
C TYR A 162 3.93 12.89 1.48
N LEU A 163 4.89 13.60 0.90
CA LEU A 163 6.24 13.07 0.69
C LEU A 163 6.89 12.64 2.00
N ARG A 164 6.68 13.44 3.04
CA ARG A 164 7.34 13.20 4.30
C ARG A 164 6.77 11.99 5.05
N ASP A 165 5.45 11.89 5.08
CA ASP A 165 4.78 10.81 5.81
C ASP A 165 5.03 9.45 5.15
N THR A 166 5.10 9.43 3.83
CA THR A 166 5.37 8.19 3.11
C THR A 166 6.82 7.79 3.32
N LEU A 167 7.70 8.77 3.39
CA LEU A 167 9.11 8.53 3.67
C LEU A 167 9.29 7.98 5.08
N LEU A 168 8.49 8.49 6.01
CA LEU A 168 8.49 7.97 7.37
C LEU A 168 8.02 6.52 7.36
N ALA A 169 7.04 6.23 6.51
CA ALA A 169 6.53 4.86 6.37
C ALA A 169 7.58 3.96 5.74
N LEU A 170 8.24 4.44 4.70
CA LEU A 170 9.27 3.67 4.01
C LEU A 170 10.44 3.38 4.93
N ALA A 171 10.86 4.38 5.70
CA ALA A 171 11.98 4.23 6.62
C ALA A 171 11.67 3.20 7.69
N HIS A 172 10.40 3.11 8.07
CA HIS A 172 9.94 2.12 9.02
C HIS A 172 10.01 0.72 8.41
N LEU A 173 9.61 0.62 7.15
CA LEU A 173 9.67 -0.64 6.42
C LEU A 173 11.11 -1.04 6.13
N HIS A 174 11.91 -0.08 5.67
CA HIS A 174 13.27 -0.36 5.23
C HIS A 174 14.20 -0.69 6.40
N SER A 175 13.91 -0.15 7.57
CA SER A 175 14.72 -0.44 8.75
C SER A 175 14.45 -1.86 9.24
N GLN A 176 13.35 -2.44 8.79
CA GLN A 176 12.99 -3.81 9.16
C GLN A 176 13.31 -4.79 8.04
N GLY A 177 14.04 -4.33 7.03
CA GLY A 177 14.38 -5.16 5.90
C GLY A 177 13.19 -5.48 5.01
N LEU A 178 12.20 -4.60 5.04
CA LEU A 178 10.98 -4.79 4.27
C LEU A 178 10.92 -3.86 3.07
N VAL A 179 10.43 -4.36 1.94
CA VAL A 179 10.23 -3.55 0.75
C VAL A 179 8.78 -3.64 0.29
N HIS A 180 8.15 -2.50 0.08
CA HIS A 180 6.74 -2.45 -0.31
C HIS A 180 6.53 -2.96 -1.73
N LEU A 181 7.39 -2.48 -2.64
CA LEU A 181 7.43 -2.92 -4.05
C LEU A 181 6.24 -2.47 -4.90
N ASP A 182 5.28 -1.79 -4.31
CA ASP A 182 4.15 -1.27 -5.09
C ASP A 182 3.66 0.06 -4.55
N VAL A 183 4.58 0.98 -4.31
CA VAL A 183 4.22 2.31 -3.84
C VAL A 183 3.63 3.11 -5.01
N LYS A 184 2.38 3.53 -4.84
CA LYS A 184 1.66 4.27 -5.87
C LYS A 184 0.59 5.12 -5.21
N PRO A 185 0.11 6.17 -5.91
CA PRO A 185 -0.90 7.07 -5.34
C PRO A 185 -2.12 6.36 -4.77
N ALA A 186 -2.42 5.18 -5.28
CA ALA A 186 -3.60 4.43 -4.85
C ALA A 186 -3.35 3.65 -3.57
N ASN A 187 -2.10 3.63 -3.11
CA ASN A 187 -1.74 2.91 -1.88
C ASN A 187 -1.48 3.87 -0.73
N ILE A 188 -1.49 5.16 -1.02
CA ILE A 188 -1.29 6.18 -0.01
C ILE A 188 -2.61 6.87 0.32
N PHE A 189 -3.01 6.80 1.58
CA PHE A 189 -4.34 7.27 1.97
C PHE A 189 -4.27 8.50 2.86
N LEU A 190 -5.04 9.52 2.50
CA LEU A 190 -5.10 10.76 3.24
C LEU A 190 -5.56 10.55 4.69
N GLY A 191 -4.62 10.66 5.61
CA GLY A 191 -4.92 10.61 7.03
C GLY A 191 -5.31 12.00 7.51
N PRO A 192 -6.59 12.21 7.76
CA PRO A 192 -7.10 13.56 8.05
C PRO A 192 -6.60 14.14 9.38
N ARG A 193 -5.94 15.30 9.37
CA ARG A 193 -5.47 16.01 8.17
C ARG A 193 -4.18 16.75 8.57
N GLY A 194 -3.26 16.98 7.65
CA GLY A 194 -3.30 16.43 6.31
C GLY A 194 -2.19 15.41 6.20
N ARG A 195 -2.17 14.49 7.17
CA ARG A 195 -1.22 13.39 7.19
C ARG A 195 -1.64 12.33 6.19
N CYS A 196 -0.83 11.29 6.03
CA CYS A 196 -1.22 10.18 5.16
C CYS A 196 -0.52 8.89 5.55
N LYS A 197 -1.13 7.77 5.18
CA LYS A 197 -0.64 6.45 5.54
C LYS A 197 -0.36 5.58 4.32
N LEU A 198 0.65 4.73 4.42
CA LEU A 198 0.96 3.76 3.38
C LEU A 198 0.33 2.41 3.71
N GLY A 199 -0.42 1.87 2.75
CA GLY A 199 -1.09 0.60 2.96
C GLY A 199 -0.92 -0.36 1.80
N ASP A 200 -1.81 -1.34 1.72
CA ASP A 200 -1.81 -2.34 0.65
C ASP A 200 -0.47 -3.05 0.57
N PHE A 201 -0.24 -3.97 1.50
CA PHE A 201 1.06 -4.64 1.62
C PHE A 201 1.08 -6.01 0.94
N GLY A 202 0.26 -6.17 -0.09
CA GLY A 202 0.15 -7.44 -0.77
C GLY A 202 1.44 -7.95 -1.39
N LEU A 203 2.27 -7.03 -1.87
CA LEU A 203 3.50 -7.40 -2.57
C LEU A 203 4.74 -7.24 -1.69
N LEU A 204 4.54 -6.95 -0.42
CA LEU A 204 5.66 -6.71 0.49
C LEU A 204 6.52 -7.95 0.71
N VAL A 205 7.82 -7.79 0.54
CA VAL A 205 8.77 -8.88 0.78
C VAL A 205 9.71 -8.55 1.93
N GLU A 206 10.06 -9.57 2.71
CA GLU A 206 11.13 -9.43 3.68
C GLU A 206 12.41 -9.93 3.04
N LEU A 207 13.32 -9.02 2.78
CA LEU A 207 14.53 -9.36 2.12
C LEU A 207 15.30 -10.46 2.77
N GLY A 208 15.68 -11.43 1.96
CA GLY A 208 16.48 -12.56 2.37
C GLY A 208 15.82 -13.80 2.93
N THR A 209 14.55 -13.71 3.32
CA THR A 209 13.87 -14.86 3.85
C THR A 209 12.73 -15.27 2.92
N ALA A 210 12.64 -14.57 1.81
CA ALA A 210 11.59 -14.83 0.87
C ALA A 210 11.66 -16.25 0.40
N GLY A 211 10.52 -16.91 0.24
CA GLY A 211 9.22 -16.37 0.58
C GLY A 211 8.19 -17.45 0.41
N ALA A 212 6.99 -17.27 0.93
CA ALA A 212 5.97 -18.28 0.74
C ALA A 212 5.73 -18.28 -0.77
N GLY A 213 5.73 -17.08 -1.33
CA GLY A 213 5.52 -16.88 -2.74
C GLY A 213 6.66 -16.06 -3.29
N GLU A 214 6.88 -16.18 -4.58
CA GLU A 214 7.94 -15.44 -5.20
C GLU A 214 7.60 -13.96 -5.34
N VAL A 215 8.63 -13.14 -5.31
CA VAL A 215 8.54 -11.71 -5.41
C VAL A 215 8.04 -11.26 -6.76
N GLN A 216 7.37 -10.13 -6.78
CA GLN A 216 6.82 -9.59 -8.00
C GLN A 216 6.94 -8.08 -8.08
N GLU A 217 7.10 -7.54 -9.27
CA GLU A 217 7.19 -6.11 -9.43
C GLU A 217 5.83 -5.55 -9.20
N GLY A 218 5.74 -4.25 -9.01
CA GLY A 218 4.48 -3.55 -8.80
C GLY A 218 3.94 -2.96 -10.08
N ASP A 219 3.18 -1.88 -9.95
CA ASP A 219 2.64 -1.15 -11.10
C ASP A 219 3.79 -0.66 -11.98
N PRO A 220 3.75 -1.02 -13.27
CA PRO A 220 4.82 -0.65 -14.22
C PRO A 220 5.00 0.85 -14.37
N ARG A 221 3.93 1.62 -14.15
CA ARG A 221 4.01 3.08 -14.22
C ARG A 221 4.96 3.66 -13.20
N TYR A 222 5.15 2.95 -12.09
CA TYR A 222 5.96 3.46 -10.98
C TYR A 222 7.14 2.55 -10.67
N MET A 223 7.44 1.64 -11.60
CA MET A 223 8.48 0.64 -11.38
C MET A 223 9.89 1.21 -11.47
N ALA A 224 10.75 0.82 -10.53
CA ALA A 224 12.15 1.19 -10.56
C ALA A 224 12.87 0.51 -11.73
N PRO A 225 13.86 1.20 -12.33
CA PRO A 225 14.57 0.69 -13.50
C PRO A 225 15.32 -0.62 -13.26
N GLU A 226 15.84 -0.82 -12.06
CA GLU A 226 16.63 -2.01 -11.77
C GLU A 226 15.78 -3.29 -11.82
N LEU A 227 14.47 -3.14 -11.66
CA LEU A 227 13.56 -4.28 -11.70
C LEU A 227 13.45 -4.84 -13.12
N LEU A 228 13.87 -4.05 -14.11
CA LEU A 228 13.86 -4.51 -15.50
C LEU A 228 14.86 -5.64 -15.70
N GLN A 229 15.87 -5.71 -14.85
CA GLN A 229 16.86 -6.79 -14.94
C GLN A 229 16.79 -7.67 -13.70
N GLY A 230 15.67 -7.61 -13.00
CA GLY A 230 15.40 -8.51 -11.89
C GLY A 230 16.00 -8.14 -10.56
N SER A 231 16.57 -6.93 -10.47
CA SER A 231 17.16 -6.45 -9.23
C SER A 231 16.18 -5.61 -8.43
N TYR A 232 16.21 -5.77 -7.10
CA TYR A 232 15.35 -4.98 -6.23
C TYR A 232 15.95 -4.86 -4.83
N GLY A 233 15.80 -3.68 -4.24
CA GLY A 233 16.19 -3.46 -2.86
C GLY A 233 15.23 -2.43 -2.28
N THR A 234 15.55 -1.89 -1.11
CA THR A 234 14.71 -0.87 -0.50
C THR A 234 14.70 0.40 -1.36
N ALA A 235 15.72 0.55 -2.20
CA ALA A 235 15.84 1.71 -3.06
C ALA A 235 14.71 1.79 -4.09
N ALA A 236 14.13 0.63 -4.43
CA ALA A 236 13.04 0.58 -5.41
C ALA A 236 11.84 1.39 -4.95
N ASP A 237 11.52 1.30 -3.66
CA ASP A 237 10.43 2.08 -3.07
C ASP A 237 10.66 3.57 -3.22
N VAL A 238 11.88 4.01 -2.94
CA VAL A 238 12.24 5.42 -3.02
C VAL A 238 11.99 5.96 -4.43
N PHE A 239 12.35 5.17 -5.43
CA PHE A 239 12.10 5.54 -6.82
C PHE A 239 10.60 5.56 -7.09
N SER A 240 9.88 4.57 -6.57
CA SER A 240 8.44 4.49 -6.76
C SER A 240 7.74 5.69 -6.15
N LEU A 241 8.19 6.09 -4.96
CA LEU A 241 7.63 7.24 -4.28
C LEU A 241 7.94 8.53 -5.06
N GLY A 242 9.11 8.56 -5.69
CA GLY A 242 9.50 9.70 -6.50
C GLY A 242 8.51 9.99 -7.61
N LEU A 243 8.19 8.95 -8.40
CA LEU A 243 7.24 9.09 -9.49
C LEU A 243 5.82 9.26 -8.98
N THR A 244 5.57 8.77 -7.78
CA THR A 244 4.28 8.99 -7.12
C THR A 244 4.08 10.48 -6.87
N ILE A 245 5.09 11.10 -6.26
CA ILE A 245 5.03 12.52 -5.94
C ILE A 245 5.07 13.38 -7.18
N LEU A 246 5.86 12.97 -8.17
CA LEU A 246 5.92 13.68 -9.44
C LEU A 246 4.56 13.74 -10.10
N GLU A 247 3.82 12.64 -10.03
CA GLU A 247 2.50 12.56 -10.65
C GLU A 247 1.50 13.48 -9.97
N VAL A 248 1.47 13.47 -8.64
CA VAL A 248 0.46 14.23 -7.90
C VAL A 248 0.78 15.72 -7.81
N ALA A 249 2.05 16.08 -7.91
CA ALA A 249 2.47 17.46 -7.70
C ALA A 249 2.44 18.27 -8.99
N CYS A 250 2.54 17.59 -10.13
CA CYS A 250 2.46 18.24 -11.43
C CYS A 250 1.09 18.02 -12.08
N ASN A 251 0.32 17.12 -11.48
CA ASN A 251 -0.97 16.66 -12.02
C ASN A 251 -0.84 16.11 -13.42
N MET A 252 0.27 15.45 -13.64
CA MET A 252 0.51 14.80 -14.90
C MET A 252 0.12 13.34 -14.80
N GLU A 253 0.19 12.66 -15.93
CA GLU A 253 -0.08 11.24 -15.93
C GLU A 253 1.13 10.54 -16.52
N LEU A 254 1.61 9.51 -15.83
CA LEU A 254 2.85 8.85 -16.21
C LEU A 254 2.62 7.83 -17.33
N PRO A 255 3.57 7.75 -18.26
CA PRO A 255 3.52 6.78 -19.37
C PRO A 255 3.64 5.35 -18.87
N HIS A 256 3.01 4.42 -19.57
CA HIS A 256 3.11 3.00 -19.23
C HIS A 256 4.24 2.34 -20.00
N GLY A 257 4.77 3.04 -21.00
CA GLY A 257 5.84 2.52 -21.82
C GLY A 257 6.42 3.55 -22.76
N GLY A 258 7.35 3.10 -23.61
CA GLY A 258 7.92 3.96 -24.64
C GLY A 258 9.10 4.78 -24.16
N GLU A 259 9.52 5.72 -24.98
CA GLU A 259 10.65 6.58 -24.67
C GLU A 259 10.39 7.40 -23.40
N GLY A 260 9.19 7.95 -23.30
CA GLY A 260 8.80 8.73 -22.14
C GLY A 260 8.97 7.96 -20.84
N TRP A 261 8.57 6.69 -20.86
CA TRP A 261 8.76 5.82 -19.71
C TRP A 261 10.24 5.59 -19.46
N GLN A 262 10.98 5.33 -20.53
CA GLN A 262 12.39 4.98 -20.42
C GLN A 262 13.26 6.19 -20.09
N GLN A 263 12.85 7.37 -20.55
CA GLN A 263 13.53 8.61 -20.17
C GLN A 263 13.49 8.80 -18.66
N LEU A 264 12.30 8.58 -18.09
CA LEU A 264 12.08 8.74 -16.65
C LEU A 264 12.98 7.82 -15.82
N ARG A 265 13.43 6.72 -16.44
CA ARG A 265 14.32 5.78 -15.75
C ARG A 265 15.77 5.98 -16.16
N GLN A 266 16.09 7.16 -16.68
CA GLN A 266 17.45 7.45 -17.11
C GLN A 266 17.92 8.80 -16.59
N GLY A 267 17.31 9.26 -15.51
CA GLY A 267 17.70 10.51 -14.88
C GLY A 267 17.11 11.73 -15.56
N TYR A 268 16.45 11.52 -16.67
CA TYR A 268 15.87 12.61 -17.41
C TYR A 268 14.52 12.97 -16.89
N LEU A 269 14.05 14.13 -17.25
CA LEU A 269 12.77 14.50 -16.77
C LEU A 269 11.96 14.67 -17.99
N PRO A 270 10.59 14.70 -17.82
CA PRO A 270 9.83 14.84 -19.07
C PRO A 270 10.19 16.18 -19.58
N PRO A 271 10.36 16.32 -20.94
CA PRO A 271 10.78 17.67 -21.34
C PRO A 271 9.81 18.71 -20.86
N GLU A 272 8.56 18.36 -20.54
CA GLU A 272 7.62 19.37 -20.04
C GLU A 272 8.28 19.93 -18.79
N PHE A 273 8.91 19.05 -18.02
CA PHE A 273 9.74 19.41 -16.87
C PHE A 273 9.31 19.66 -15.42
N THR A 274 8.08 19.46 -14.96
CA THR A 274 7.74 19.78 -13.55
C THR A 274 7.52 21.27 -13.34
N ALA A 275 7.24 21.99 -14.42
CA ALA A 275 7.07 23.42 -14.27
C ALA A 275 6.04 23.76 -13.19
N GLY A 276 6.34 24.76 -12.39
CA GLY A 276 5.45 25.13 -11.32
C GLY A 276 5.86 24.43 -10.04
N LEU A 277 6.96 23.73 -10.10
CA LEU A 277 7.49 23.03 -8.96
C LEU A 277 8.66 23.85 -8.48
N SER A 278 8.95 23.88 -7.19
CA SER A 278 10.11 24.69 -6.85
C SER A 278 11.42 23.98 -7.17
N SER A 279 12.53 24.71 -7.00
CA SER A 279 13.85 24.12 -7.13
C SER A 279 14.03 23.07 -6.05
N GLU A 280 13.56 23.39 -4.85
CA GLU A 280 13.74 22.54 -3.68
C GLU A 280 13.09 21.17 -3.87
N LEU A 281 11.83 21.17 -4.28
CA LEU A 281 11.11 19.90 -4.46
C LEU A 281 11.62 19.16 -5.68
N ARG A 282 12.06 19.89 -6.69
CA ARG A 282 12.59 19.27 -7.90
C ARG A 282 13.91 18.56 -7.61
N SER A 283 14.78 19.22 -6.85
CA SER A 283 16.10 18.66 -6.54
C SER A 283 15.98 17.39 -5.69
N VAL A 284 14.93 17.32 -4.88
CA VAL A 284 14.69 16.14 -4.05
C VAL A 284 14.23 14.97 -4.90
N LEU A 285 13.29 15.23 -5.81
CA LEU A 285 12.79 14.20 -6.70
C LEU A 285 13.92 13.61 -7.54
N VAL A 286 14.86 14.45 -7.95
CA VAL A 286 16.02 14.00 -8.71
C VAL A 286 16.84 12.99 -7.90
N MET A 287 16.97 13.24 -6.61
CA MET A 287 17.65 12.32 -5.70
C MET A 287 16.91 10.99 -5.62
N MET A 288 15.59 11.05 -5.70
CA MET A 288 14.75 9.86 -5.58
C MET A 288 14.62 9.13 -6.91
N LEU A 289 14.76 9.86 -8.01
CA LEU A 289 14.57 9.27 -9.34
C LEU A 289 15.89 8.84 -9.99
N GLU A 290 16.97 8.90 -9.21
CA GLU A 290 18.28 8.46 -9.67
C GLU A 290 18.24 7.02 -10.20
N PRO A 291 18.70 6.82 -11.44
CA PRO A 291 18.72 5.50 -12.08
C PRO A 291 19.50 4.46 -11.30
N ASP A 292 20.71 4.83 -10.88
CA ASP A 292 21.57 3.93 -10.11
C ASP A 292 21.08 3.82 -8.68
N PRO A 293 20.65 2.60 -8.28
CA PRO A 293 20.13 2.34 -6.93
C PRO A 293 21.11 2.74 -5.83
N LYS A 294 22.41 2.49 -6.06
CA LYS A 294 23.43 2.75 -5.05
C LYS A 294 23.68 4.24 -4.86
N LEU A 295 23.26 5.04 -5.82
CA LEU A 295 23.40 6.50 -5.73
C LEU A 295 22.14 7.14 -5.21
N ARG A 296 21.00 6.49 -5.47
CA ARG A 296 19.70 6.98 -5.04
C ARG A 296 19.67 7.19 -3.53
N ALA A 297 19.10 8.31 -3.11
CA ALA A 297 19.02 8.65 -1.69
C ALA A 297 18.19 7.62 -0.94
N THR A 298 18.52 7.40 0.32
CA THR A 298 17.73 6.54 1.19
C THR A 298 16.66 7.37 1.89
N ALA A 299 15.68 6.71 2.49
CA ALA A 299 14.59 7.40 3.15
C ALA A 299 15.07 8.20 4.35
N GLU A 300 15.95 7.59 5.14
CA GLU A 300 16.50 8.25 6.33
C GLU A 300 17.26 9.51 5.97
N ALA A 301 18.11 9.41 4.96
CA ALA A 301 18.90 10.56 4.51
C ALA A 301 17.99 11.67 3.99
N LEU A 302 16.94 11.28 3.29
CA LEU A 302 15.96 12.24 2.78
C LEU A 302 15.22 12.93 3.92
N LEU A 303 14.74 12.13 4.87
CA LEU A 303 14.04 12.67 6.03
C LEU A 303 14.95 13.54 6.88
N ALA A 304 16.26 13.31 6.77
CA ALA A 304 17.25 14.05 7.54
C ALA A 304 17.51 15.43 6.93
N LEU A 305 17.04 15.65 5.73
CA LEU A 305 17.29 16.91 5.10
C LEU A 305 16.59 17.81 5.98
N PRO A 306 16.72 19.16 5.71
CA PRO A 306 16.02 20.03 6.65
C PRO A 306 14.71 20.47 6.06
N VAL A 307 14.63 20.47 4.75
CA VAL A 307 13.41 20.87 4.10
C VAL A 307 12.30 19.87 4.34
N LEU A 308 12.57 18.83 5.09
CA LEU A 308 11.59 17.79 5.36
C LEU A 308 11.37 17.45 6.80
N ARG A 309 11.64 18.38 7.72
CA ARG A 309 11.40 18.08 9.14
C ARG A 309 9.99 18.47 9.54
N GLN A 310 9.50 17.89 10.63
CA GLN A 310 8.14 18.07 11.14
C GLN A 310 7.31 19.22 10.60
C1 H8H B . -16.67 8.69 -2.53
N2 H8H B . -15.84 8.62 -1.30
C3 H8H B . -14.37 8.61 -1.59
C4 H8H B . -13.54 8.61 -0.28
N5 H8H B . -13.96 7.47 0.61
C6 H8H B . -13.05 7.30 1.79
C7 H8H B . -12.44 5.90 1.92
O8 H8H B . -11.63 5.59 0.76
C9 H8H B . -10.92 4.43 0.91
C10 H8H B . -10.66 3.58 -0.18
C11 H8H B . -9.92 2.34 -0.03
O12 H8H B . -9.65 1.48 -1.11
C13 H8H B . -9.88 2.05 -2.45
C14 H8H B . -8.54 2.71 -2.86
C15 H8H B . -7.94 2.11 -4.15
O16 H8H B . -7.91 0.67 -3.99
C17 H8H B . -9.22 0.09 -4.11
C18 H8H B . -10.34 0.93 -3.45
C19 H8H B . -9.43 2.01 1.27
C20 H8H B . -8.68 0.84 1.61
N21 H8H B . -8.32 -0.13 0.72
C22 H8H B . -7.63 -1.29 0.98
C23 H8H B . -7.97 -2.21 2.01
O24 H8H B . -9.00 -2.15 2.89
C25 H8H B . -8.88 -3.37 3.63
O26 H8H B . -7.71 -4.11 3.25
C27 H8H B . -7.23 -3.37 2.23
C28 H8H B . -6.10 -3.67 1.45
C29 H8H B . -5.74 -2.78 0.42
C30 H8H B . -6.49 -1.60 0.19
CL3 H8H B . -5.97 -0.58 -1.06
N32 H8H B . -8.29 0.67 2.91
C33 H8H B . -8.57 1.52 3.90
N34 H8H B . -9.28 2.64 3.61
C35 H8H B . -9.71 2.90 2.36
C36 H8H B . -10.43 4.08 2.17
C37 H8H B . -15.42 7.50 0.91
C38 H8H B . -16.25 7.51 -0.39
C1 EDO C . -5.46 -3.38 -4.89
O1 EDO C . -5.12 -4.05 -3.66
C2 EDO C . -4.18 -3.07 -5.66
O2 EDO C . -3.58 -1.88 -5.14
#